data_6QIM
#
_entry.id   6QIM
#
_cell.length_a   218.985
_cell.length_b   218.985
_cell.length_c   100.637
_cell.angle_alpha   90.00
_cell.angle_beta   90.00
_cell.angle_gamma   120.00
#
_symmetry.space_group_name_H-M   'P 63 2 2'
#
_entity_poly.entity_id   1
_entity_poly.type   'polypeptide(L)'
_entity_poly.pdbx_seq_one_letter_code
;MEELRKWPLYRAVIAEFVATLLFLYVSILTVIGYKAQTDATAGGVDCGGVGILGIAWAFGGMIFVLVYCTAGISGGHINP
AVTVGLFLARKVSLVRTVLYIVAQCLGAICGCGFVKAFQSSYYTRYGGGANELADGYNKGTGLGAEIIGTFVLVYTVFSA
TDPKRNARDSHVPVLAPLPIGFAVFMVHLATIPITGTGINPARSFGAAVIYNNEKAWDDQWIFWVGPMIGAAAAAFYHQF
ILRAAAIKALGHHHHHHHH
;
_entity_poly.pdbx_strand_id   A,B
#
# COMPACT_ATOMS: atom_id res chain seq x y z
N LEU A 4 -10.34 21.54 22.33
CA LEU A 4 -11.72 21.10 22.38
C LEU A 4 -11.81 19.61 22.07
N ARG A 5 -13.01 19.06 22.15
CA ARG A 5 -13.19 17.63 21.87
C ARG A 5 -13.60 17.43 20.43
N LYS A 6 -14.28 18.42 19.87
CA LYS A 6 -14.82 18.31 18.53
C LYS A 6 -13.75 18.34 17.44
N TRP A 7 -12.68 19.10 17.66
CA TRP A 7 -11.63 19.24 16.66
C TRP A 7 -10.80 17.95 16.46
N PRO A 8 -10.29 17.33 17.55
CA PRO A 8 -9.55 16.07 17.36
C PRO A 8 -10.43 14.91 16.90
N LEU A 9 -11.65 14.84 17.40
CA LEU A 9 -12.59 13.82 16.96
C LEU A 9 -12.74 13.94 15.46
N TYR A 10 -12.99 15.17 14.98
CA TYR A 10 -13.08 15.43 13.55
C TYR A 10 -11.80 14.98 12.84
N ARG A 11 -10.65 15.32 13.40
CA ARG A 11 -9.37 14.94 12.80
C ARG A 11 -9.15 13.43 12.85
N ALA A 12 -9.62 12.80 13.92
CA ALA A 12 -9.52 11.35 14.06
C ALA A 12 -10.44 10.65 13.06
N VAL A 13 -11.42 11.40 12.57
CA VAL A 13 -12.34 10.86 11.57
C VAL A 13 -11.77 11.09 10.17
N ILE A 14 -11.12 12.23 9.99
CA ILE A 14 -10.47 12.57 8.73
C ILE A 14 -9.49 11.48 8.30
N ALA A 15 -8.78 10.91 9.26
CA ALA A 15 -7.84 9.83 8.99
C ALA A 15 -8.55 8.59 8.43
N GLU A 16 -9.65 8.20 9.07
CA GLU A 16 -10.42 7.02 8.65
C GLU A 16 -10.87 7.12 7.20
N PHE A 17 -11.26 8.32 6.80
CA PHE A 17 -11.67 8.57 5.44
C PHE A 17 -10.50 8.38 4.46
N VAL A 18 -9.39 9.03 4.77
CA VAL A 18 -8.20 9.00 3.91
C VAL A 18 -7.67 7.58 3.71
N ALA A 19 -7.48 6.87 4.82
CA ALA A 19 -6.92 5.53 4.78
C ALA A 19 -7.80 4.57 3.98
N THR A 20 -9.12 4.78 4.04
CA THR A 20 -10.05 3.93 3.30
C THR A 20 -9.93 4.18 1.80
N LEU A 21 -9.79 5.45 1.44
CA LEU A 21 -9.58 5.86 0.06
C LEU A 21 -8.37 5.14 -0.51
N LEU A 22 -7.26 5.19 0.21
CA LEU A 22 -6.03 4.54 -0.20
C LEU A 22 -6.22 3.03 -0.30
N PHE A 23 -6.72 2.44 0.80
CA PHE A 23 -6.91 1.01 0.91
C PHE A 23 -7.65 0.41 -0.28
N LEU A 24 -8.77 1.01 -0.64
CA LEU A 24 -9.60 0.47 -1.71
C LEU A 24 -8.89 0.46 -3.03
N TYR A 25 -8.58 1.64 -3.55
CA TYR A 25 -8.06 1.79 -4.90
C TYR A 25 -6.78 0.99 -5.14
N VAL A 26 -5.94 0.86 -4.12
CA VAL A 26 -4.76 0.00 -4.24
C VAL A 26 -5.21 -1.44 -4.43
N SER A 27 -6.05 -1.90 -3.51
CA SER A 27 -6.60 -3.25 -3.59
C SER A 27 -7.38 -3.45 -4.89
N ILE A 28 -8.09 -2.40 -5.29
CA ILE A 28 -8.88 -2.46 -6.51
C ILE A 28 -7.99 -2.53 -7.73
N LEU A 29 -7.11 -1.53 -7.88
CA LEU A 29 -6.21 -1.50 -9.03
C LEU A 29 -5.20 -2.66 -8.99
N THR A 30 -5.10 -3.33 -7.83
CA THR A 30 -4.37 -4.59 -7.77
C THR A 30 -5.24 -5.67 -8.41
N VAL A 31 -6.48 -5.77 -7.94
CA VAL A 31 -7.47 -6.70 -8.51
C VAL A 31 -7.67 -6.44 -10.00
N ILE A 32 -7.92 -5.18 -10.34
CA ILE A 32 -8.17 -4.79 -11.73
C ILE A 32 -6.89 -4.86 -12.55
N GLY A 33 -5.77 -4.47 -11.94
CA GLY A 33 -4.48 -4.61 -12.58
C GLY A 33 -4.18 -6.06 -12.84
N TYR A 34 -4.51 -6.92 -11.88
CA TYR A 34 -4.39 -8.37 -12.06
C TYR A 34 -5.28 -8.82 -13.20
N LYS A 35 -6.54 -8.43 -13.15
CA LYS A 35 -7.52 -8.82 -14.17
C LYS A 35 -7.21 -8.20 -15.52
N ALA A 36 -6.43 -7.12 -15.52
CA ALA A 36 -6.04 -6.49 -16.78
C ALA A 36 -4.91 -7.28 -17.43
N GLN A 37 -3.91 -7.65 -16.63
CA GLN A 37 -2.78 -8.46 -17.10
C GLN A 37 -3.21 -9.91 -17.35
N THR A 38 -3.90 -10.50 -16.40
CA THR A 38 -4.46 -11.83 -16.58
C THR A 38 -5.72 -11.78 -17.44
N ASP A 39 -5.69 -12.45 -18.58
CA ASP A 39 -6.79 -12.44 -19.55
C ASP A 39 -8.04 -13.16 -19.04
N ALA A 40 -9.20 -12.70 -19.51
CA ALA A 40 -10.45 -13.41 -19.28
C ALA A 40 -10.58 -14.56 -20.29
N THR A 41 -11.14 -14.24 -21.45
CA THR A 41 -11.29 -15.20 -22.54
C THR A 41 -10.16 -15.10 -23.56
N ALA A 42 -9.92 -13.89 -24.10
CA ALA A 42 -8.83 -13.65 -25.04
C ALA A 42 -8.51 -12.16 -25.21
N GLY A 43 -7.24 -11.88 -25.52
CA GLY A 43 -6.77 -10.51 -25.67
C GLY A 43 -5.56 -10.16 -24.81
N GLY A 44 -4.98 -11.17 -24.16
CA GLY A 44 -3.82 -10.97 -23.30
C GLY A 44 -3.28 -12.28 -22.77
N VAL A 45 -2.47 -12.21 -21.71
CA VAL A 45 -1.79 -13.40 -21.17
C VAL A 45 -2.56 -14.06 -20.02
N ASP A 46 -2.73 -15.38 -20.12
CA ASP A 46 -3.37 -16.15 -19.05
C ASP A 46 -2.43 -16.27 -17.85
N CYS A 47 -2.99 -16.16 -16.65
CA CYS A 47 -2.21 -16.15 -15.42
C CYS A 47 -1.12 -15.10 -15.48
N GLY A 48 0.04 -15.41 -14.91
CA GLY A 48 1.19 -14.53 -15.00
C GLY A 48 1.07 -13.25 -14.20
N GLY A 49 -0.14 -12.94 -13.75
CA GLY A 49 -0.36 -11.76 -12.93
C GLY A 49 0.16 -11.98 -11.53
N VAL A 50 -0.31 -11.17 -10.59
CA VAL A 50 0.14 -11.29 -9.22
C VAL A 50 -0.40 -12.55 -8.55
N GLY A 51 -1.27 -13.27 -9.27
CA GLY A 51 -1.96 -14.42 -8.73
C GLY A 51 -3.06 -13.92 -7.83
N ILE A 52 -3.99 -14.78 -7.46
CA ILE A 52 -5.04 -14.32 -6.55
C ILE A 52 -4.48 -14.36 -5.12
N LEU A 53 -3.22 -14.80 -5.02
CA LEU A 53 -2.43 -14.63 -3.82
C LEU A 53 -1.96 -13.19 -3.71
N GLY A 54 -1.59 -12.61 -4.86
CA GLY A 54 -1.13 -11.23 -4.90
C GLY A 54 -2.24 -10.26 -4.56
N ILE A 55 -3.45 -10.57 -5.00
CA ILE A 55 -4.62 -9.78 -4.67
C ILE A 55 -4.90 -9.81 -3.18
N ALA A 56 -4.85 -11.01 -2.60
CA ALA A 56 -5.07 -11.17 -1.17
C ALA A 56 -3.98 -10.46 -0.37
N TRP A 57 -2.81 -10.30 -0.96
CA TRP A 57 -1.74 -9.56 -0.31
C TRP A 57 -2.06 -8.07 -0.27
N ALA A 58 -2.68 -7.58 -1.34
CA ALA A 58 -3.00 -6.16 -1.46
C ALA A 58 -3.91 -5.69 -0.33
N PHE A 59 -4.96 -6.46 -0.07
CA PHE A 59 -5.91 -6.13 0.98
C PHE A 59 -5.27 -6.16 2.37
N GLY A 60 -4.85 -7.35 2.79
CA GLY A 60 -4.25 -7.53 4.10
C GLY A 60 -3.00 -6.70 4.33
N GLY A 61 -2.30 -6.40 3.24
CA GLY A 61 -1.10 -5.59 3.30
C GLY A 61 -1.40 -4.11 3.50
N MET A 62 -2.26 -3.57 2.64
CA MET A 62 -2.68 -2.18 2.76
C MET A 62 -3.32 -1.91 4.12
N ILE A 63 -4.15 -2.84 4.58
CA ILE A 63 -4.78 -2.71 5.90
C ILE A 63 -3.74 -2.56 7.00
N PHE A 64 -2.81 -3.52 7.07
CA PHE A 64 -1.75 -3.50 8.07
C PHE A 64 -0.99 -2.19 8.09
N VAL A 65 -0.62 -1.69 6.91
CA VAL A 65 0.05 -0.41 6.79
C VAL A 65 -0.78 0.72 7.39
N LEU A 66 -2.01 0.83 6.92
CA LEU A 66 -2.90 1.92 7.30
C LEU A 66 -3.33 1.85 8.76
N VAL A 67 -3.60 0.65 9.26
CA VAL A 67 -3.93 0.48 10.67
C VAL A 67 -2.78 1.02 11.51
N TYR A 68 -1.56 0.72 11.09
CA TYR A 68 -0.36 1.26 11.71
C TYR A 68 -0.30 2.78 11.55
N CYS A 69 -0.63 3.25 10.36
CA CYS A 69 -0.63 4.68 10.06
C CYS A 69 -1.74 5.43 10.80
N THR A 70 -2.81 4.71 11.14
CA THR A 70 -3.99 5.32 11.74
C THR A 70 -4.28 4.78 13.14
N ALA A 71 -3.27 4.17 13.75
CA ALA A 71 -3.41 3.55 15.06
C ALA A 71 -3.71 4.55 16.16
N GLY A 72 -2.70 5.36 16.49
CA GLY A 72 -2.79 6.28 17.61
C GLY A 72 -3.66 7.48 17.35
N ILE A 73 -4.30 7.51 16.19
CA ILE A 73 -5.17 8.62 15.82
C ILE A 73 -6.62 8.22 15.99
N SER A 74 -7.16 7.59 14.95
CA SER A 74 -8.55 7.14 14.96
C SER A 74 -8.75 5.96 15.91
N GLY A 75 -7.78 5.06 15.90
CA GLY A 75 -7.90 3.79 16.58
C GLY A 75 -7.61 2.69 15.57
N GLY A 76 -7.36 3.10 14.33
CA GLY A 76 -7.08 2.17 13.26
C GLY A 76 -8.25 1.24 13.00
N HIS A 77 -9.38 1.80 12.62
CA HIS A 77 -10.60 1.03 12.45
C HIS A 77 -10.78 0.52 11.02
N ILE A 78 -10.78 1.45 10.06
CA ILE A 78 -10.80 1.16 8.61
C ILE A 78 -11.91 0.21 8.13
N ASN A 79 -12.69 -0.34 9.05
CA ASN A 79 -13.74 -1.31 8.70
C ASN A 79 -15.02 -1.09 9.50
N PRO A 80 -16.15 -0.88 8.80
CA PRO A 80 -17.46 -0.70 9.42
C PRO A 80 -17.83 -1.85 10.36
N ALA A 81 -17.51 -3.07 9.95
CA ALA A 81 -17.78 -4.24 10.78
C ALA A 81 -16.99 -4.14 12.08
N VAL A 82 -15.71 -3.80 11.97
CA VAL A 82 -14.84 -3.63 13.13
C VAL A 82 -15.37 -2.52 14.04
N THR A 83 -15.87 -1.45 13.42
CA THR A 83 -16.38 -0.30 14.16
C THR A 83 -17.55 -0.70 15.04
N VAL A 84 -18.44 -1.52 14.49
CA VAL A 84 -19.61 -1.98 15.21
C VAL A 84 -19.22 -2.92 16.34
N GLY A 85 -18.27 -3.81 16.07
CA GLY A 85 -17.76 -4.71 17.09
C GLY A 85 -17.24 -3.96 18.30
N LEU A 86 -16.29 -3.05 18.07
CA LEU A 86 -15.74 -2.23 19.14
C LEU A 86 -16.83 -1.41 19.83
N PHE A 87 -17.82 -0.99 19.06
CA PHE A 87 -18.96 -0.26 19.61
C PHE A 87 -19.82 -1.13 20.50
N LEU A 88 -20.18 -2.32 20.01
CA LEU A 88 -20.96 -3.27 20.78
C LEU A 88 -20.18 -3.78 21.98
N ALA A 89 -18.89 -3.51 21.99
CA ALA A 89 -18.04 -3.79 23.14
C ALA A 89 -18.09 -2.62 24.12
N ARG A 90 -19.00 -1.69 23.86
CA ARG A 90 -19.28 -0.58 24.77
C ARG A 90 -18.08 0.38 24.91
N LYS A 91 -17.16 0.33 23.94
CA LYS A 91 -15.96 1.14 24.04
C LYS A 91 -15.71 2.08 22.85
N VAL A 92 -16.78 2.43 22.14
CA VAL A 92 -16.71 3.51 21.15
C VAL A 92 -17.89 4.45 21.34
N SER A 93 -17.60 5.72 21.59
CA SER A 93 -18.61 6.71 21.95
C SER A 93 -19.65 6.95 20.85
N LEU A 94 -20.55 5.98 20.69
CA LEU A 94 -21.72 6.04 19.80
C LEU A 94 -21.59 6.94 18.57
N VAL A 95 -21.51 8.25 18.81
CA VAL A 95 -21.49 9.24 17.74
C VAL A 95 -20.31 9.00 16.79
N ARG A 96 -19.21 8.48 17.32
CA ARG A 96 -18.04 8.14 16.50
C ARG A 96 -18.39 7.15 15.39
N THR A 97 -18.97 6.03 15.78
CA THR A 97 -19.33 4.96 14.85
C THR A 97 -20.18 5.47 13.68
N VAL A 98 -21.18 6.28 14.00
CA VAL A 98 -22.04 6.86 12.97
C VAL A 98 -21.21 7.66 11.98
N LEU A 99 -20.23 8.41 12.51
CA LEU A 99 -19.34 9.20 11.68
C LEU A 99 -18.30 8.33 10.97
N TYR A 100 -17.79 7.33 11.67
CA TYR A 100 -16.77 6.44 11.12
C TYR A 100 -17.30 5.65 9.93
N ILE A 101 -18.57 5.27 9.99
CA ILE A 101 -19.20 4.56 8.87
C ILE A 101 -19.33 5.50 7.68
N VAL A 102 -19.78 6.73 7.93
CA VAL A 102 -19.83 7.73 6.88
C VAL A 102 -18.43 7.98 6.34
N ALA A 103 -17.45 7.99 7.23
CA ALA A 103 -16.06 8.20 6.86
C ALA A 103 -15.55 7.07 5.95
N GLN A 104 -15.75 5.84 6.39
CA GLN A 104 -15.31 4.66 5.65
C GLN A 104 -16.02 4.52 4.31
N CYS A 105 -17.34 4.62 4.33
CA CYS A 105 -18.13 4.41 3.12
C CYS A 105 -17.95 5.53 2.10
N LEU A 106 -17.51 6.70 2.55
CA LEU A 106 -17.22 7.80 1.65
C LEU A 106 -15.97 7.54 0.83
N GLY A 107 -14.84 7.38 1.53
CA GLY A 107 -13.55 7.20 0.89
C GLY A 107 -13.44 5.99 -0.02
N ALA A 108 -14.18 4.95 0.33
CA ALA A 108 -14.22 3.73 -0.47
C ALA A 108 -14.80 4.00 -1.85
N ILE A 109 -15.84 4.84 -1.90
CA ILE A 109 -16.41 5.28 -3.17
C ILE A 109 -15.36 6.07 -3.92
N CYS A 110 -14.72 7.01 -3.22
CA CYS A 110 -13.66 7.83 -3.77
C CYS A 110 -12.56 6.95 -4.38
N GLY A 111 -11.95 6.11 -3.54
CA GLY A 111 -10.90 5.20 -3.96
C GLY A 111 -11.18 4.44 -5.26
N CYS A 112 -12.25 3.65 -5.26
CA CYS A 112 -12.67 2.91 -6.45
C CYS A 112 -12.97 3.85 -7.62
N GLY A 113 -13.32 5.08 -7.28
CA GLY A 113 -13.61 6.09 -8.29
C GLY A 113 -12.35 6.53 -9.03
N PHE A 114 -11.25 6.64 -8.29
CA PHE A 114 -9.98 7.04 -8.90
C PHE A 114 -9.47 5.98 -9.87
N VAL A 115 -10.05 4.79 -9.80
CA VAL A 115 -9.60 3.66 -10.61
C VAL A 115 -10.18 3.74 -12.03
N LYS A 116 -11.49 3.97 -12.14
CA LYS A 116 -12.14 4.15 -13.45
C LYS A 116 -11.45 5.25 -14.24
N ALA A 117 -11.22 6.39 -13.58
CA ALA A 117 -10.61 7.56 -14.21
C ALA A 117 -9.30 7.21 -14.89
N PHE A 118 -8.57 6.28 -14.30
CA PHE A 118 -7.30 5.85 -14.83
C PHE A 118 -7.47 5.01 -16.08
N GLN A 119 -8.40 4.07 -16.02
CA GLN A 119 -8.58 3.10 -17.09
C GLN A 119 -9.93 3.21 -17.77
N SER A 120 -11.01 3.07 -17.00
CA SER A 120 -12.38 3.10 -17.52
C SER A 120 -12.65 2.03 -18.59
N SER A 121 -11.72 1.87 -19.50
CA SER A 121 -11.77 0.77 -20.46
C SER A 121 -11.77 -0.58 -19.74
N TYR A 122 -10.60 -0.96 -19.24
CA TYR A 122 -10.40 -2.28 -18.64
C TYR A 122 -11.06 -2.39 -17.26
N TYR A 123 -11.58 -1.29 -16.75
CA TYR A 123 -12.30 -1.30 -15.48
C TYR A 123 -13.61 -2.05 -15.64
N THR A 124 -14.49 -1.51 -16.48
CA THR A 124 -15.87 -1.98 -16.62
C THR A 124 -15.96 -3.48 -16.94
N ARG A 125 -15.22 -3.93 -17.96
CA ARG A 125 -15.28 -5.33 -18.37
C ARG A 125 -14.82 -6.26 -17.25
N TYR A 126 -13.86 -5.80 -16.45
CA TYR A 126 -13.22 -6.66 -15.48
C TYR A 126 -13.70 -6.41 -14.05
N GLY A 127 -14.91 -6.90 -13.76
CA GLY A 127 -15.41 -7.04 -12.39
C GLY A 127 -15.65 -5.80 -11.56
N GLY A 128 -14.91 -4.73 -11.87
CA GLY A 128 -15.03 -3.48 -11.12
C GLY A 128 -14.51 -3.59 -9.70
N GLY A 129 -13.92 -4.74 -9.38
CA GLY A 129 -13.41 -4.99 -8.04
C GLY A 129 -14.52 -5.11 -7.02
N ALA A 130 -15.74 -5.36 -7.50
CA ALA A 130 -16.90 -5.43 -6.63
C ALA A 130 -17.18 -6.85 -6.17
N ASN A 131 -17.50 -6.99 -4.88
CA ASN A 131 -17.85 -8.27 -4.30
C ASN A 131 -19.09 -8.89 -4.95
N GLU A 132 -19.00 -10.17 -5.30
CA GLU A 132 -20.10 -10.87 -5.96
C GLU A 132 -20.05 -12.36 -5.67
N LEU A 133 -21.22 -12.98 -5.57
CA LEU A 133 -21.30 -14.43 -5.41
C LEU A 133 -20.71 -15.13 -6.63
N ALA A 134 -19.78 -16.05 -6.39
CA ALA A 134 -19.23 -16.85 -7.48
C ALA A 134 -20.23 -17.91 -7.90
N ASP A 135 -20.45 -18.02 -9.20
CA ASP A 135 -21.37 -18.99 -9.74
C ASP A 135 -20.94 -20.42 -9.37
N GLY A 136 -21.83 -21.14 -8.70
CA GLY A 136 -21.54 -22.48 -8.24
C GLY A 136 -21.95 -22.65 -6.79
N TYR A 137 -21.96 -21.55 -6.04
CA TYR A 137 -22.36 -21.57 -4.64
C TYR A 137 -23.75 -20.98 -4.44
N ASN A 138 -24.47 -21.48 -3.45
CA ASN A 138 -25.75 -20.89 -3.09
C ASN A 138 -25.53 -19.66 -2.22
N LYS A 139 -26.56 -18.83 -2.09
CA LYS A 139 -26.43 -17.57 -1.37
C LYS A 139 -26.18 -17.79 0.11
N GLY A 140 -26.79 -18.84 0.65
CA GLY A 140 -26.63 -19.17 2.06
C GLY A 140 -25.21 -19.55 2.38
N THR A 141 -24.60 -20.29 1.45
CA THR A 141 -23.19 -20.63 1.56
C THR A 141 -22.33 -19.37 1.61
N GLY A 142 -22.58 -18.46 0.68
CA GLY A 142 -21.81 -17.24 0.57
C GLY A 142 -21.98 -16.33 1.77
N LEU A 143 -23.20 -16.29 2.30
CA LEU A 143 -23.50 -15.50 3.49
C LEU A 143 -22.72 -16.01 4.69
N GLY A 144 -22.72 -17.32 4.87
CA GLY A 144 -22.04 -17.94 6.00
C GLY A 144 -20.54 -17.71 6.02
N ALA A 145 -19.93 -17.68 4.85
CA ALA A 145 -18.49 -17.44 4.74
C ALA A 145 -18.15 -16.02 5.19
N GLU A 146 -18.96 -15.06 4.78
CA GLU A 146 -18.77 -13.67 5.15
C GLU A 146 -18.92 -13.47 6.65
N ILE A 147 -19.81 -14.25 7.26
CA ILE A 147 -20.05 -14.18 8.69
C ILE A 147 -18.82 -14.66 9.46
N ILE A 148 -18.44 -15.91 9.25
CA ILE A 148 -17.31 -16.51 9.94
C ILE A 148 -16.01 -15.81 9.56
N GLY A 149 -15.92 -15.39 8.30
CA GLY A 149 -14.75 -14.67 7.83
C GLY A 149 -14.51 -13.39 8.60
N THR A 150 -15.56 -12.56 8.70
CA THR A 150 -15.47 -11.29 9.42
C THR A 150 -15.21 -11.53 10.90
N PHE A 151 -15.80 -12.60 11.41
CA PHE A 151 -15.62 -13.02 12.79
C PHE A 151 -14.14 -13.15 13.15
N VAL A 152 -13.39 -13.81 12.28
CA VAL A 152 -11.97 -14.01 12.49
C VAL A 152 -11.22 -12.69 12.55
N LEU A 153 -11.54 -11.80 11.61
CA LEU A 153 -10.96 -10.47 11.56
C LEU A 153 -11.23 -9.69 12.84
N VAL A 154 -12.48 -9.73 13.30
CA VAL A 154 -12.87 -8.95 14.47
C VAL A 154 -12.36 -9.58 15.77
N TYR A 155 -12.37 -10.91 15.83
CA TYR A 155 -11.84 -11.63 16.99
C TYR A 155 -10.39 -11.26 17.23
N THR A 156 -9.68 -11.05 16.14
CA THR A 156 -8.30 -10.59 16.20
C THR A 156 -8.23 -9.22 16.87
N VAL A 157 -9.06 -8.29 16.40
CA VAL A 157 -9.02 -6.90 16.85
C VAL A 157 -9.11 -6.75 18.36
N PHE A 158 -10.14 -7.33 18.95
CA PHE A 158 -10.32 -7.31 20.40
C PHE A 158 -9.13 -7.92 21.12
N SER A 159 -8.66 -9.06 20.63
CA SER A 159 -7.49 -9.71 21.20
C SER A 159 -6.27 -8.80 21.02
N ALA A 160 -6.27 -8.05 19.92
CA ALA A 160 -5.16 -7.16 19.59
C ALA A 160 -5.16 -5.89 20.45
N THR A 161 -6.33 -5.47 20.92
CA THR A 161 -6.42 -4.28 21.75
C THR A 161 -5.57 -4.43 23.01
N ASP A 162 -4.55 -3.59 23.11
CA ASP A 162 -3.74 -3.54 24.32
C ASP A 162 -4.31 -2.45 25.22
N PRO A 163 -4.82 -2.82 26.39
CA PRO A 163 -5.38 -1.87 27.35
C PRO A 163 -4.34 -0.85 27.84
N LYS A 164 -3.08 -1.26 27.88
CA LYS A 164 -1.99 -0.40 28.36
C LYS A 164 -1.83 0.80 27.42
N ARG A 165 -1.85 0.54 26.11
CA ARG A 165 -1.68 1.61 25.13
C ARG A 165 -3.03 2.13 24.63
N ASN A 166 -3.19 3.46 24.59
CA ASN A 166 -4.44 4.06 24.14
C ASN A 166 -4.22 5.30 23.28
N ALA A 167 -5.20 5.61 22.43
CA ALA A 167 -5.10 6.77 21.55
C ALA A 167 -5.13 8.06 22.35
N ARG A 168 -4.45 9.08 21.83
CA ARG A 168 -4.36 10.36 22.53
C ARG A 168 -5.70 11.10 22.49
N ASP A 169 -6.00 11.80 23.58
CA ASP A 169 -7.24 12.56 23.73
C ASP A 169 -8.47 11.67 23.52
N SER A 170 -8.38 10.45 24.06
CA SER A 170 -9.47 9.49 23.94
C SER A 170 -9.23 8.27 24.82
N HIS A 171 -10.23 7.41 24.89
CA HIS A 171 -10.12 6.15 25.60
C HIS A 171 -10.19 5.02 24.57
N VAL A 172 -10.09 5.42 23.30
CA VAL A 172 -10.19 4.49 22.18
C VAL A 172 -8.97 3.58 22.07
N PRO A 173 -9.20 2.25 22.00
CA PRO A 173 -8.16 1.22 21.96
C PRO A 173 -7.33 1.26 20.68
N VAL A 174 -6.03 1.51 20.82
CA VAL A 174 -5.08 1.39 19.71
C VAL A 174 -4.84 -0.09 19.46
N LEU A 175 -4.63 -0.46 18.21
CA LEU A 175 -4.53 -1.87 17.84
C LEU A 175 -3.14 -2.26 17.34
N ALA A 176 -2.67 -3.46 17.72
CA ALA A 176 -1.45 -4.01 17.15
C ALA A 176 -1.69 -4.26 15.67
N PRO A 177 -1.05 -3.47 14.81
CA PRO A 177 -1.42 -3.38 13.39
C PRO A 177 -1.13 -4.64 12.56
N LEU A 178 -0.25 -5.51 13.03
CA LEU A 178 0.18 -6.64 12.20
C LEU A 178 -0.79 -7.82 12.15
N PRO A 179 -1.15 -8.40 13.31
CA PRO A 179 -1.98 -9.61 13.24
C PRO A 179 -3.36 -9.36 12.59
N ILE A 180 -3.87 -8.15 12.73
CA ILE A 180 -5.14 -7.78 12.10
C ILE A 180 -5.05 -7.88 10.59
N GLY A 181 -4.06 -7.17 10.02
CA GLY A 181 -3.85 -7.18 8.59
C GLY A 181 -3.50 -8.56 8.07
N PHE A 182 -2.89 -9.37 8.92
CA PHE A 182 -2.54 -10.73 8.55
C PHE A 182 -3.77 -11.63 8.61
N ALA A 183 -4.64 -11.36 9.57
CA ALA A 183 -5.90 -12.08 9.71
C ALA A 183 -6.78 -11.84 8.50
N VAL A 184 -6.79 -10.61 8.01
CA VAL A 184 -7.50 -10.28 6.78
C VAL A 184 -6.96 -11.10 5.61
N PHE A 185 -5.64 -11.15 5.50
CA PHE A 185 -4.95 -11.85 4.41
C PHE A 185 -5.32 -13.33 4.37
N MET A 186 -5.32 -13.96 5.55
CA MET A 186 -5.74 -15.35 5.69
C MET A 186 -7.16 -15.58 5.20
N VAL A 187 -8.06 -14.68 5.61
CA VAL A 187 -9.45 -14.78 5.23
C VAL A 187 -9.61 -14.59 3.72
N HIS A 188 -8.88 -13.63 3.16
CA HIS A 188 -8.93 -13.40 1.71
C HIS A 188 -8.48 -14.64 0.94
N LEU A 189 -7.43 -15.31 1.41
CA LEU A 189 -6.97 -16.55 0.82
C LEU A 189 -8.07 -17.61 0.81
N ALA A 190 -8.86 -17.60 1.87
CA ALA A 190 -9.92 -18.59 2.05
C ALA A 190 -11.19 -18.26 1.30
N THR A 191 -11.44 -16.97 1.07
CA THR A 191 -12.75 -16.52 0.60
C THR A 191 -12.81 -16.12 -0.88
N ILE A 192 -11.81 -15.41 -1.38
CA ILE A 192 -11.83 -14.79 -2.73
C ILE A 192 -12.50 -15.62 -3.84
N PRO A 193 -12.31 -16.96 -3.86
CA PRO A 193 -13.16 -17.78 -4.72
C PRO A 193 -14.65 -17.48 -4.57
N ILE A 194 -15.18 -17.67 -3.36
CA ILE A 194 -16.61 -17.62 -3.10
C ILE A 194 -17.26 -16.26 -3.40
N THR A 195 -16.74 -15.21 -2.78
CA THR A 195 -17.37 -13.89 -2.92
C THR A 195 -16.42 -12.80 -3.41
N GLY A 196 -15.12 -13.04 -3.30
CA GLY A 196 -14.14 -12.01 -3.57
C GLY A 196 -13.79 -11.31 -2.27
N THR A 197 -14.31 -11.88 -1.18
CA THR A 197 -14.05 -11.42 0.18
C THR A 197 -14.54 -10.01 0.46
N GLY A 198 -15.70 -9.91 1.11
CA GLY A 198 -16.23 -8.63 1.53
C GLY A 198 -15.65 -8.23 2.87
N ILE A 199 -16.22 -8.81 3.93
CA ILE A 199 -15.85 -8.56 5.34
C ILE A 199 -15.48 -7.10 5.65
N ASN A 200 -15.96 -6.20 4.82
CA ASN A 200 -15.67 -4.78 4.96
C ASN A 200 -16.63 -4.00 4.09
N PRO A 201 -17.83 -3.71 4.62
CA PRO A 201 -18.92 -3.03 3.92
C PRO A 201 -18.46 -1.79 3.17
N ALA A 202 -17.48 -1.08 3.72
CA ALA A 202 -16.91 0.07 3.03
C ALA A 202 -16.44 -0.34 1.64
N ARG A 203 -15.56 -1.34 1.59
CA ARG A 203 -15.08 -1.87 0.31
C ARG A 203 -16.24 -2.31 -0.57
N SER A 204 -17.15 -3.07 0.01
CA SER A 204 -18.27 -3.62 -0.72
C SER A 204 -19.14 -2.52 -1.33
N PHE A 205 -19.58 -1.59 -0.49
CA PHE A 205 -20.38 -0.46 -0.94
C PHE A 205 -19.55 0.49 -1.81
N GLY A 206 -18.23 0.46 -1.63
CA GLY A 206 -17.33 1.32 -2.37
C GLY A 206 -17.35 1.10 -3.86
N ALA A 207 -16.94 -0.10 -4.29
CA ALA A 207 -16.88 -0.44 -5.70
C ALA A 207 -18.28 -0.58 -6.30
N ALA A 208 -19.26 -0.89 -5.45
CA ALA A 208 -20.63 -1.08 -5.89
C ALA A 208 -21.20 0.17 -6.54
N VAL A 209 -20.96 1.32 -5.92
CA VAL A 209 -21.44 2.59 -6.43
C VAL A 209 -20.84 2.88 -7.80
N ILE A 210 -19.57 2.56 -7.95
CA ILE A 210 -18.84 2.88 -9.17
C ILE A 210 -19.10 1.87 -10.28
N TYR A 211 -18.83 0.60 -9.99
CA TYR A 211 -19.02 -0.49 -10.95
C TYR A 211 -20.47 -0.53 -11.43
N ASN A 212 -21.38 -0.49 -10.46
CA ASN A 212 -22.81 -0.31 -10.73
C ASN A 212 -23.39 -1.36 -11.68
N ASN A 213 -23.61 -2.56 -11.15
CA ASN A 213 -24.19 -3.64 -11.90
C ASN A 213 -25.39 -4.23 -11.17
N GLU A 214 -26.34 -4.73 -11.96
CA GLU A 214 -27.50 -5.41 -11.42
C GLU A 214 -27.11 -6.52 -10.46
N LYS A 215 -26.19 -7.37 -10.89
CA LYS A 215 -25.73 -8.50 -10.08
C LYS A 215 -25.02 -8.03 -8.82
N ALA A 216 -24.39 -6.87 -8.90
CA ALA A 216 -23.69 -6.28 -7.76
C ALA A 216 -24.68 -5.80 -6.71
N TRP A 217 -25.63 -4.97 -7.14
CA TRP A 217 -26.64 -4.43 -6.24
C TRP A 217 -27.54 -5.54 -5.68
N ASP A 218 -27.84 -6.53 -6.51
CA ASP A 218 -28.64 -7.68 -6.08
C ASP A 218 -27.92 -8.41 -4.94
N ASP A 219 -26.61 -8.55 -5.05
CA ASP A 219 -25.84 -9.33 -4.08
C ASP A 219 -25.07 -8.44 -3.10
N GLN A 220 -25.35 -7.15 -3.11
CA GLN A 220 -24.70 -6.19 -2.21
C GLN A 220 -25.17 -6.39 -0.77
N TRP A 221 -26.38 -6.93 -0.62
CA TRP A 221 -27.03 -7.03 0.69
C TRP A 221 -26.32 -7.97 1.65
N ILE A 222 -25.44 -8.81 1.13
CA ILE A 222 -24.75 -9.81 1.95
C ILE A 222 -23.62 -9.20 2.76
N PHE A 223 -22.80 -8.38 2.10
CA PHE A 223 -21.54 -7.90 2.67
C PHE A 223 -21.73 -6.78 3.68
N TRP A 224 -22.98 -6.59 4.09
CA TRP A 224 -23.29 -5.77 5.25
C TRP A 224 -23.83 -6.69 6.34
N VAL A 225 -24.85 -7.47 5.99
CA VAL A 225 -25.46 -8.42 6.91
C VAL A 225 -24.42 -9.38 7.47
N GLY A 226 -23.81 -10.17 6.56
CA GLY A 226 -22.79 -11.14 6.92
C GLY A 226 -21.72 -10.68 7.89
N PRO A 227 -20.96 -9.62 7.51
CA PRO A 227 -19.93 -9.04 8.37
C PRO A 227 -20.44 -8.59 9.74
N MET A 228 -21.56 -7.86 9.77
CA MET A 228 -22.09 -7.34 11.04
C MET A 228 -22.46 -8.47 11.99
N ILE A 229 -23.00 -9.56 11.43
CA ILE A 229 -23.33 -10.73 12.21
C ILE A 229 -22.09 -11.29 12.87
N GLY A 230 -21.01 -11.37 12.09
CA GLY A 230 -19.74 -11.88 12.59
C GLY A 230 -19.12 -10.97 13.63
N ALA A 231 -19.07 -9.68 13.33
CA ALA A 231 -18.48 -8.70 14.24
C ALA A 231 -19.21 -8.67 15.57
N ALA A 232 -20.51 -8.90 15.53
CA ALA A 232 -21.32 -8.99 16.75
C ALA A 232 -20.97 -10.26 17.51
N ALA A 233 -20.87 -11.37 16.78
CA ALA A 233 -20.54 -12.66 17.39
C ALA A 233 -19.15 -12.64 18.01
N ALA A 234 -18.20 -12.01 17.33
CA ALA A 234 -16.84 -11.89 17.83
C ALA A 234 -16.79 -11.07 19.11
N ALA A 235 -17.65 -10.05 19.18
CA ALA A 235 -17.77 -9.23 20.37
C ALA A 235 -18.33 -10.05 21.52
N PHE A 236 -19.37 -10.82 21.23
CA PHE A 236 -19.94 -11.73 22.23
C PHE A 236 -18.92 -12.80 22.60
N TYR A 237 -18.18 -13.28 21.61
CA TYR A 237 -17.18 -14.32 21.86
C TYR A 237 -16.03 -13.81 22.72
N HIS A 238 -15.68 -12.54 22.57
CA HIS A 238 -14.54 -11.98 23.27
C HIS A 238 -14.89 -11.44 24.66
N GLN A 239 -15.78 -10.44 24.71
CA GLN A 239 -16.02 -9.67 25.93
C GLN A 239 -16.79 -10.42 27.03
N PHE A 240 -17.44 -11.54 26.71
CA PHE A 240 -18.27 -12.21 27.72
C PHE A 240 -18.01 -13.71 27.91
N ILE A 241 -17.98 -14.50 26.85
CA ILE A 241 -17.75 -15.94 27.03
C ILE A 241 -16.25 -16.23 27.08
N LEU A 242 -15.46 -15.20 26.81
CA LEU A 242 -14.06 -15.21 27.17
C LEU A 242 -13.83 -14.19 28.28
N ARG A 243 -14.79 -13.28 28.43
CA ARG A 243 -14.80 -12.25 29.49
C ARG A 243 -13.45 -11.56 29.66
N ALA A 244 -12.96 -10.92 28.60
CA ALA A 244 -11.68 -10.23 28.65
C ALA A 244 -11.84 -8.80 29.16
N ALA A 245 -13.07 -8.46 29.56
CA ALA A 245 -13.36 -7.15 30.10
C ALA A 245 -12.68 -6.98 31.46
N ALA A 246 -12.55 -8.07 32.19
CA ALA A 246 -11.88 -8.06 33.50
C ALA A 246 -11.34 -9.44 33.85
N LEU B 4 33.57 15.93 15.00
CA LEU B 4 33.52 16.29 13.59
C LEU B 4 32.10 16.12 13.05
N ARG B 5 31.64 17.08 12.25
CA ARG B 5 30.31 17.02 11.67
C ARG B 5 30.36 16.27 10.35
N LYS B 6 31.48 16.43 9.66
CA LYS B 6 31.67 15.83 8.34
C LYS B 6 31.78 14.31 8.40
N TRP B 7 32.46 13.80 9.42
CA TRP B 7 32.76 12.37 9.47
C TRP B 7 31.49 11.50 9.74
N PRO B 8 30.66 11.84 10.75
CA PRO B 8 29.35 11.17 10.82
C PRO B 8 28.33 11.54 9.74
N LEU B 9 28.48 12.68 9.07
CA LEU B 9 27.54 13.04 8.02
C LEU B 9 27.81 12.18 6.79
N TYR B 10 29.04 12.27 6.29
CA TYR B 10 29.48 11.48 5.14
C TYR B 10 29.34 9.98 5.45
N ARG B 11 29.47 9.64 6.72
CA ARG B 11 29.19 8.29 7.23
C ARG B 11 27.87 7.77 6.72
N ALA B 12 26.90 8.68 6.65
CA ALA B 12 25.53 8.34 6.26
C ALA B 12 25.26 8.68 4.80
N VAL B 13 25.90 9.74 4.33
CA VAL B 13 25.75 10.16 2.93
C VAL B 13 26.20 9.05 2.01
N ILE B 14 27.17 8.26 2.49
CA ILE B 14 27.60 7.07 1.79
C ILE B 14 26.60 5.94 1.97
N ALA B 15 26.15 5.75 3.20
CA ALA B 15 25.25 4.66 3.54
C ALA B 15 23.99 4.71 2.67
N GLU B 16 23.55 5.91 2.31
CA GLU B 16 22.42 6.08 1.39
C GLU B 16 22.79 5.54 0.01
N PHE B 17 23.85 6.11 -0.55
CA PHE B 17 24.40 5.70 -1.84
C PHE B 17 24.52 4.19 -1.99
N VAL B 18 25.03 3.54 -0.95
CA VAL B 18 25.24 2.10 -0.96
C VAL B 18 23.93 1.34 -0.99
N ALA B 19 23.01 1.74 -0.11
CA ALA B 19 21.70 1.11 -0.01
C ALA B 19 20.99 1.16 -1.36
N THR B 20 21.00 2.34 -1.98
CA THR B 20 20.35 2.51 -3.27
C THR B 20 21.03 1.64 -4.33
N LEU B 21 22.35 1.50 -4.22
CA LEU B 21 23.10 0.60 -5.09
C LEU B 21 22.62 -0.83 -4.89
N LEU B 22 22.56 -1.24 -3.63
CA LEU B 22 22.09 -2.57 -3.26
C LEU B 22 20.62 -2.76 -3.62
N PHE B 23 19.84 -1.71 -3.39
CA PHE B 23 18.41 -1.75 -3.69
C PHE B 23 18.15 -2.04 -5.15
N LEU B 24 18.66 -1.15 -6.01
CA LEU B 24 18.46 -1.27 -7.45
C LEU B 24 19.03 -2.58 -8.00
N TYR B 25 20.14 -3.03 -7.43
CA TYR B 25 20.76 -4.27 -7.88
C TYR B 25 19.85 -5.46 -7.68
N VAL B 26 19.48 -5.73 -6.43
CA VAL B 26 18.66 -6.89 -6.08
C VAL B 26 17.30 -6.87 -6.80
N SER B 27 16.67 -5.71 -6.81
CA SER B 27 15.35 -5.55 -7.41
C SER B 27 15.34 -5.82 -8.91
N ILE B 28 16.19 -5.09 -9.65
CA ILE B 28 16.23 -5.19 -11.10
C ILE B 28 16.73 -6.56 -11.55
N LEU B 29 17.67 -7.13 -10.81
CA LEU B 29 18.19 -8.46 -11.14
C LEU B 29 17.07 -9.49 -11.07
N THR B 30 16.05 -9.23 -10.24
CA THR B 30 14.87 -10.09 -10.17
C THR B 30 14.01 -9.91 -11.43
N VAL B 31 13.72 -8.65 -11.75
CA VAL B 31 12.91 -8.30 -12.91
C VAL B 31 13.46 -8.92 -14.20
N ILE B 32 14.74 -8.68 -14.48
CA ILE B 32 15.39 -9.26 -15.64
C ILE B 32 15.35 -10.78 -15.58
N GLY B 33 15.47 -11.31 -14.36
CA GLY B 33 15.35 -12.73 -14.14
C GLY B 33 13.97 -13.22 -14.52
N TYR B 34 12.95 -12.48 -14.12
CA TYR B 34 11.57 -12.81 -14.47
C TYR B 34 11.36 -12.78 -15.97
N LYS B 35 11.88 -11.75 -16.61
CA LYS B 35 11.80 -11.60 -18.05
C LYS B 35 12.42 -12.84 -18.72
N ALA B 36 13.64 -13.18 -18.30
CA ALA B 36 14.39 -14.27 -18.90
C ALA B 36 13.75 -15.66 -18.67
N GLN B 37 12.83 -15.75 -17.72
CA GLN B 37 12.17 -17.02 -17.39
C GLN B 37 10.99 -17.33 -18.31
N THR B 38 10.24 -16.29 -18.68
CA THR B 38 9.10 -16.45 -19.59
C THR B 38 9.52 -16.16 -21.03
N ASP B 39 10.10 -14.98 -21.25
CA ASP B 39 10.75 -14.61 -22.53
C ASP B 39 9.87 -14.69 -23.78
N ALA B 40 10.54 -15.00 -24.91
CA ALA B 40 9.92 -14.97 -26.24
C ALA B 40 9.74 -16.37 -26.82
N THR B 41 8.47 -16.72 -27.08
CA THR B 41 8.05 -17.97 -27.76
C THR B 41 9.01 -19.17 -27.68
N ALA B 42 10.10 -19.08 -28.43
CA ALA B 42 11.05 -20.20 -28.55
C ALA B 42 11.69 -20.57 -27.22
N GLY B 43 12.13 -19.57 -26.47
CA GLY B 43 12.81 -19.81 -25.21
C GLY B 43 12.01 -19.36 -24.00
N GLY B 44 11.94 -20.23 -22.99
CA GLY B 44 11.32 -19.88 -21.73
C GLY B 44 9.96 -20.50 -21.48
N VAL B 45 9.60 -20.61 -20.21
CA VAL B 45 8.29 -21.10 -19.81
C VAL B 45 7.53 -20.03 -19.03
N ASP B 46 6.26 -19.84 -19.38
CA ASP B 46 5.45 -18.80 -18.76
C ASP B 46 5.08 -19.16 -17.32
N CYS B 47 4.64 -18.14 -16.57
CA CYS B 47 4.15 -18.31 -15.20
C CYS B 47 5.21 -18.82 -14.24
N GLY B 48 5.89 -19.90 -14.61
CA GLY B 48 6.83 -20.56 -13.73
C GLY B 48 8.06 -19.77 -13.33
N GLY B 49 7.94 -18.45 -13.30
CA GLY B 49 8.96 -17.60 -12.73
C GLY B 49 8.63 -17.30 -11.28
N VAL B 50 9.15 -16.21 -10.77
CA VAL B 50 8.81 -15.81 -9.41
C VAL B 50 7.37 -15.36 -9.33
N GLY B 51 6.77 -15.09 -10.49
CA GLY B 51 5.51 -14.39 -10.54
C GLY B 51 5.80 -12.91 -10.41
N ILE B 52 4.97 -12.07 -11.01
CA ILE B 52 5.19 -10.64 -10.95
C ILE B 52 5.02 -10.13 -9.52
N LEU B 53 4.34 -10.94 -8.72
CA LEU B 53 4.24 -10.72 -7.29
C LEU B 53 5.63 -10.77 -6.66
N GLY B 54 6.45 -11.72 -7.12
CA GLY B 54 7.80 -11.88 -6.61
C GLY B 54 8.70 -10.68 -6.93
N ILE B 55 8.47 -10.07 -8.09
CA ILE B 55 9.12 -8.82 -8.43
C ILE B 55 8.75 -7.75 -7.42
N ALA B 56 7.45 -7.63 -7.15
CA ALA B 56 6.94 -6.65 -6.20
C ALA B 56 7.49 -6.89 -4.81
N TRP B 57 7.73 -8.16 -4.48
CA TRP B 57 8.38 -8.52 -3.22
C TRP B 57 9.77 -7.92 -3.14
N ALA B 58 10.55 -8.11 -4.20
CA ALA B 58 11.92 -7.63 -4.28
C ALA B 58 12.05 -6.15 -3.95
N PHE B 59 11.21 -5.33 -4.58
CA PHE B 59 11.22 -3.90 -4.32
C PHE B 59 10.80 -3.57 -2.90
N GLY B 60 9.86 -4.35 -2.38
CA GLY B 60 9.33 -4.11 -1.05
C GLY B 60 10.31 -4.45 0.05
N GLY B 61 10.70 -5.72 0.12
CA GLY B 61 11.53 -6.22 1.19
C GLY B 61 12.93 -5.62 1.22
N MET B 62 13.43 -5.23 0.05
CA MET B 62 14.74 -4.58 -0.02
C MET B 62 14.70 -3.23 0.69
N ILE B 63 13.57 -2.52 0.55
CA ILE B 63 13.37 -1.29 1.29
C ILE B 63 13.29 -1.60 2.78
N PHE B 64 12.68 -2.74 3.12
CA PHE B 64 12.53 -3.15 4.50
C PHE B 64 13.87 -3.36 5.22
N VAL B 65 14.81 -4.02 4.54
CA VAL B 65 16.09 -4.35 5.17
C VAL B 65 17.09 -3.20 5.11
N LEU B 66 17.09 -2.47 4.00
CA LEU B 66 18.04 -1.38 3.81
C LEU B 66 17.73 -0.22 4.74
N VAL B 67 16.44 -0.01 5.04
CA VAL B 67 16.06 0.97 6.05
C VAL B 67 16.50 0.47 7.42
N TYR B 68 16.31 -0.82 7.67
CA TYR B 68 16.70 -1.40 8.96
C TYR B 68 18.21 -1.32 9.19
N CYS B 69 18.97 -1.42 8.11
CA CYS B 69 20.42 -1.27 8.20
C CYS B 69 20.83 0.20 8.33
N THR B 70 20.16 1.08 7.58
CA THR B 70 20.51 2.49 7.59
C THR B 70 19.57 3.34 8.44
N ALA B 71 18.90 2.71 9.41
CA ALA B 71 17.96 3.39 10.30
C ALA B 71 18.65 4.45 11.16
N GLY B 72 19.54 3.99 12.04
CA GLY B 72 20.27 4.89 12.92
C GLY B 72 21.51 5.46 12.28
N ILE B 73 21.63 5.32 10.96
CA ILE B 73 22.77 5.87 10.24
C ILE B 73 22.37 7.08 9.40
N SER B 74 21.66 6.82 8.31
CA SER B 74 21.25 7.88 7.40
C SER B 74 19.79 8.28 7.64
N GLY B 75 19.04 7.37 8.25
CA GLY B 75 17.63 7.61 8.51
C GLY B 75 16.75 6.82 7.57
N GLY B 76 17.38 6.03 6.72
CA GLY B 76 16.67 5.15 5.80
C GLY B 76 15.72 5.89 4.87
N HIS B 77 16.28 6.60 3.91
CA HIS B 77 15.47 7.26 2.90
C HIS B 77 15.49 6.43 1.62
N ILE B 78 16.67 6.29 1.03
CA ILE B 78 16.87 5.53 -0.21
C ILE B 78 15.85 5.99 -1.26
N ASN B 79 15.56 7.28 -1.24
CA ASN B 79 14.52 7.87 -2.06
C ASN B 79 14.56 9.39 -1.96
N PRO B 80 14.77 10.08 -3.08
CA PRO B 80 14.74 11.55 -3.09
C PRO B 80 13.41 12.08 -2.55
N ALA B 81 12.30 11.46 -2.98
CA ALA B 81 10.97 11.89 -2.56
C ALA B 81 10.82 11.86 -1.05
N VAL B 82 11.21 10.75 -0.44
CA VAL B 82 11.18 10.61 1.01
C VAL B 82 12.05 11.68 1.67
N THR B 83 13.26 11.86 1.13
CA THR B 83 14.19 12.87 1.62
C THR B 83 13.62 14.28 1.44
N VAL B 84 13.23 14.61 0.22
CA VAL B 84 12.64 15.91 -0.09
C VAL B 84 11.39 16.13 0.74
N GLY B 85 10.61 15.08 0.92
CA GLY B 85 9.41 15.13 1.74
C GLY B 85 9.73 15.52 3.17
N LEU B 86 10.87 15.07 3.67
CA LEU B 86 11.28 15.38 5.03
C LEU B 86 11.95 16.75 5.12
N PHE B 87 12.07 17.42 3.97
CA PHE B 87 12.62 18.77 3.93
C PHE B 87 11.52 19.81 4.05
N LEU B 88 10.42 19.57 3.34
CA LEU B 88 9.24 20.40 3.47
C LEU B 88 8.69 20.26 4.88
N ALA B 89 8.87 19.07 5.45
CA ALA B 89 8.48 18.82 6.83
C ALA B 89 9.43 19.51 7.79
N ARG B 90 10.45 20.16 7.23
CA ARG B 90 11.39 20.97 7.99
C ARG B 90 12.18 20.12 8.98
N LYS B 91 12.47 18.89 8.58
CA LYS B 91 13.14 17.97 9.48
C LYS B 91 14.49 17.53 8.96
N VAL B 92 14.79 17.84 7.71
CA VAL B 92 16.12 17.64 7.18
C VAL B 92 16.62 18.95 6.57
N SER B 93 17.57 19.57 7.24
CA SER B 93 18.11 20.86 6.81
C SER B 93 18.60 20.81 5.37
N LEU B 94 18.46 21.95 4.69
CA LEU B 94 18.60 22.05 3.24
C LEU B 94 19.77 21.27 2.65
N VAL B 95 20.99 21.61 3.07
CA VAL B 95 22.18 21.03 2.47
C VAL B 95 22.26 19.52 2.68
N ARG B 96 21.63 19.02 3.75
CA ARG B 96 21.66 17.59 4.03
C ARG B 96 20.77 16.81 3.08
N THR B 97 19.78 17.49 2.51
CA THR B 97 18.88 16.86 1.53
C THR B 97 19.57 16.69 0.18
N VAL B 98 20.04 17.81 -0.37
CA VAL B 98 20.61 17.85 -1.71
C VAL B 98 21.70 16.80 -1.89
N LEU B 99 22.47 16.55 -0.83
CA LEU B 99 23.46 15.49 -0.84
C LEU B 99 22.80 14.14 -1.05
N TYR B 100 21.87 13.79 -0.16
CA TYR B 100 21.11 12.53 -0.27
C TYR B 100 20.48 12.39 -1.65
N ILE B 101 19.89 13.49 -2.12
CA ILE B 101 19.27 13.53 -3.44
C ILE B 101 20.23 13.03 -4.51
N VAL B 102 21.46 13.54 -4.46
CA VAL B 102 22.48 13.14 -5.41
C VAL B 102 23.14 11.82 -5.03
N ALA B 103 23.42 11.65 -3.74
CA ALA B 103 24.08 10.44 -3.24
C ALA B 103 23.29 9.18 -3.59
N GLN B 104 21.97 9.27 -3.51
CA GLN B 104 21.10 8.14 -3.82
C GLN B 104 21.11 7.81 -5.31
N CYS B 105 20.97 8.83 -6.16
CA CYS B 105 20.92 8.66 -7.60
C CYS B 105 22.11 7.89 -8.16
N LEU B 106 23.30 8.21 -7.67
CA LEU B 106 24.53 7.58 -8.14
C LEU B 106 24.55 6.09 -7.83
N GLY B 107 24.12 5.74 -6.62
CA GLY B 107 24.06 4.36 -6.20
C GLY B 107 23.18 3.54 -7.13
N ALA B 108 22.01 4.08 -7.44
CA ALA B 108 21.09 3.46 -8.38
C ALA B 108 21.80 3.12 -9.68
N ILE B 109 22.39 4.14 -10.31
CA ILE B 109 23.15 3.96 -11.54
C ILE B 109 24.25 2.92 -11.37
N CYS B 110 25.03 3.06 -10.31
CA CYS B 110 26.08 2.09 -9.98
C CYS B 110 25.48 0.71 -9.78
N GLY B 111 24.31 0.66 -9.15
CA GLY B 111 23.58 -0.57 -8.97
C GLY B 111 23.01 -1.09 -10.28
N CYS B 112 22.48 -0.18 -11.08
CA CYS B 112 21.90 -0.51 -12.38
C CYS B 112 22.96 -1.00 -13.37
N GLY B 113 24.05 -0.24 -13.47
CA GLY B 113 25.11 -0.55 -14.41
C GLY B 113 25.77 -1.87 -14.07
N PHE B 114 25.83 -2.17 -12.78
CA PHE B 114 26.42 -3.42 -12.30
C PHE B 114 25.60 -4.62 -12.76
N VAL B 115 24.30 -4.42 -12.93
CA VAL B 115 23.39 -5.49 -13.30
C VAL B 115 23.54 -5.90 -14.76
N LYS B 116 23.58 -4.92 -15.66
CA LYS B 116 23.67 -5.24 -17.09
C LYS B 116 25.01 -5.83 -17.45
N ALA B 117 26.07 -5.47 -16.71
CA ALA B 117 27.40 -6.01 -16.95
C ALA B 117 27.39 -7.53 -16.76
N PHE B 118 26.41 -7.99 -15.99
CA PHE B 118 26.19 -9.41 -15.79
C PHE B 118 25.49 -10.03 -17.00
N GLN B 119 24.48 -9.33 -17.51
CA GLN B 119 23.57 -9.89 -18.50
C GLN B 119 23.19 -8.93 -19.61
N SER B 120 24.17 -8.19 -20.15
CA SER B 120 23.92 -7.18 -21.17
C SER B 120 23.13 -7.68 -22.36
N SER B 121 23.36 -8.93 -22.73
CA SER B 121 22.61 -9.56 -23.81
C SER B 121 21.13 -9.60 -23.46
N TYR B 122 20.79 -10.23 -22.34
CA TYR B 122 19.40 -10.32 -21.90
C TYR B 122 18.87 -8.92 -21.56
N TYR B 123 19.44 -8.33 -20.52
CA TYR B 123 19.10 -6.98 -20.03
C TYR B 123 18.49 -6.04 -21.07
N THR B 124 19.21 -5.83 -22.18
CA THR B 124 18.78 -4.90 -23.21
C THR B 124 17.47 -5.29 -23.89
N ARG B 125 17.33 -6.57 -24.23
CA ARG B 125 16.14 -7.05 -24.93
C ARG B 125 14.89 -7.03 -24.06
N TYR B 126 15.06 -6.92 -22.75
CA TYR B 126 13.93 -7.12 -21.85
C TYR B 126 13.63 -5.96 -20.90
N GLY B 127 13.57 -4.75 -21.44
CA GLY B 127 13.04 -3.61 -20.70
C GLY B 127 13.93 -2.99 -19.64
N GLY B 128 14.95 -3.74 -19.21
CA GLY B 128 15.95 -3.23 -18.29
C GLY B 128 15.45 -2.54 -17.04
N GLY B 129 14.25 -2.92 -16.60
CA GLY B 129 13.65 -2.33 -15.42
C GLY B 129 13.44 -0.83 -15.54
N ALA B 130 13.19 -0.37 -16.75
CA ALA B 130 13.02 1.05 -17.01
C ALA B 130 11.57 1.50 -16.84
N ASN B 131 11.36 2.59 -16.11
CA ASN B 131 10.02 3.11 -15.84
C ASN B 131 9.40 3.81 -17.05
N GLU B 132 8.33 3.22 -17.60
CA GLU B 132 7.61 3.81 -18.73
C GLU B 132 6.13 3.48 -18.66
N LEU B 133 5.35 4.10 -19.54
CA LEU B 133 3.93 3.81 -19.65
C LEU B 133 3.68 2.56 -20.47
N ALA B 134 2.94 1.61 -19.91
CA ALA B 134 2.41 0.49 -20.68
C ALA B 134 1.29 1.00 -21.56
N ASP B 135 1.23 0.55 -22.80
CA ASP B 135 0.24 1.07 -23.75
C ASP B 135 -1.19 0.76 -23.30
N GLY B 136 -2.10 1.68 -23.58
CA GLY B 136 -3.47 1.58 -23.13
C GLY B 136 -3.80 2.63 -22.10
N TYR B 137 -2.76 3.14 -21.45
CA TYR B 137 -2.90 4.20 -20.45
C TYR B 137 -2.51 5.56 -21.01
N ASN B 138 -3.39 6.54 -20.89
CA ASN B 138 -3.01 7.91 -21.21
C ASN B 138 -2.00 8.40 -20.19
N LYS B 139 -1.18 9.37 -20.58
CA LYS B 139 -0.07 9.85 -19.75
C LYS B 139 -0.55 10.39 -18.41
N GLY B 140 -1.75 10.97 -18.41
CA GLY B 140 -2.35 11.47 -17.18
C GLY B 140 -2.64 10.36 -16.21
N THR B 141 -3.06 9.21 -16.74
CA THR B 141 -3.30 8.04 -15.91
C THR B 141 -2.02 7.61 -15.20
N GLY B 142 -0.93 7.55 -15.95
CA GLY B 142 0.35 7.16 -15.38
C GLY B 142 0.86 8.13 -14.33
N LEU B 143 0.65 9.42 -14.58
CA LEU B 143 1.07 10.46 -13.64
C LEU B 143 0.26 10.38 -12.35
N GLY B 144 -1.06 10.25 -12.49
CA GLY B 144 -1.93 10.15 -11.34
C GLY B 144 -1.66 8.92 -10.50
N ALA B 145 -1.09 7.89 -11.13
CA ALA B 145 -0.78 6.64 -10.45
C ALA B 145 0.42 6.80 -9.52
N GLU B 146 1.43 7.51 -10.01
CA GLU B 146 2.68 7.67 -9.27
C GLU B 146 2.51 8.56 -8.04
N ILE B 147 1.75 9.64 -8.20
CA ILE B 147 1.55 10.61 -7.14
C ILE B 147 0.91 9.99 -5.90
N ILE B 148 -0.17 9.23 -6.10
CA ILE B 148 -0.84 8.59 -4.97
C ILE B 148 0.01 7.48 -4.38
N GLY B 149 0.60 6.65 -5.25
CA GLY B 149 1.47 5.58 -4.81
C GLY B 149 2.60 6.09 -3.94
N THR B 150 3.22 7.19 -4.36
CA THR B 150 4.27 7.83 -3.58
C THR B 150 3.69 8.36 -2.27
N PHE B 151 2.54 9.02 -2.37
CA PHE B 151 1.80 9.53 -1.21
C PHE B 151 1.56 8.44 -0.17
N VAL B 152 1.11 7.29 -0.63
CA VAL B 152 0.86 6.15 0.23
C VAL B 152 2.11 5.80 1.04
N LEU B 153 3.26 5.81 0.38
CA LEU B 153 4.52 5.51 1.03
C LEU B 153 4.99 6.65 1.92
N VAL B 154 5.10 7.84 1.36
CA VAL B 154 5.58 9.01 2.10
C VAL B 154 4.71 9.27 3.33
N TYR B 155 3.39 9.06 3.21
CA TYR B 155 2.51 9.15 4.36
C TYR B 155 2.81 8.03 5.35
N THR B 156 3.05 6.84 4.83
CA THR B 156 3.43 5.71 5.66
C THR B 156 4.77 5.98 6.34
N VAL B 157 5.67 6.64 5.61
CA VAL B 157 6.96 7.04 6.17
C VAL B 157 6.79 8.02 7.33
N PHE B 158 5.87 8.96 7.18
CA PHE B 158 5.63 9.99 8.19
C PHE B 158 4.95 9.46 9.45
N SER B 159 3.94 8.62 9.27
CA SER B 159 3.31 7.95 10.41
C SER B 159 4.33 7.04 11.08
N ALA B 160 5.41 6.75 10.34
CA ALA B 160 6.52 5.95 10.85
C ALA B 160 7.68 6.84 11.26
N THR B 161 7.39 7.84 12.08
CA THR B 161 8.42 8.75 12.59
C THR B 161 8.38 8.78 14.12
N ASP B 162 9.41 8.20 14.73
CA ASP B 162 9.53 8.22 16.18
C ASP B 162 9.86 9.63 16.65
N PRO B 163 9.04 10.18 17.56
CA PRO B 163 9.19 11.54 18.08
C PRO B 163 10.46 11.74 18.92
N LYS B 164 11.18 10.66 19.20
CA LYS B 164 12.27 10.69 20.18
C LYS B 164 13.64 10.34 19.61
N ARG B 165 13.76 9.24 18.88
CA ARG B 165 15.07 8.69 18.52
C ARG B 165 15.65 9.23 17.21
N ASN B 166 16.94 9.55 17.25
CA ASN B 166 17.65 10.12 16.10
C ASN B 166 18.66 9.16 15.49
N ALA B 167 19.07 9.44 14.26
CA ALA B 167 20.22 8.78 13.65
C ALA B 167 21.48 9.45 14.18
N ARG B 168 22.65 8.88 13.87
CA ARG B 168 23.90 9.39 14.46
C ARG B 168 24.20 10.85 14.10
N ASP B 169 24.22 11.70 15.13
CA ASP B 169 24.70 13.09 15.06
C ASP B 169 23.93 14.02 14.11
N SER B 170 22.61 14.05 14.27
CA SER B 170 21.72 14.92 13.52
C SER B 170 20.32 14.92 14.14
N HIS B 171 19.40 15.69 13.58
CA HIS B 171 17.99 15.49 13.91
C HIS B 171 17.31 14.80 12.72
N VAL B 172 17.58 13.50 12.61
CA VAL B 172 17.04 12.61 11.58
C VAL B 172 16.33 11.44 12.26
N PRO B 173 15.07 11.16 11.87
CA PRO B 173 14.23 10.19 12.58
C PRO B 173 14.76 8.74 12.56
N VAL B 174 14.35 7.97 13.56
CA VAL B 174 14.63 6.53 13.65
C VAL B 174 13.43 5.76 14.23
N LEU B 175 12.80 4.93 13.41
CA LEU B 175 11.67 4.11 13.86
C LEU B 175 11.57 2.81 13.04
N ALA B 176 10.83 1.83 13.57
CA ALA B 176 10.58 0.54 12.92
C ALA B 176 10.16 0.64 11.44
N PRO B 177 10.80 -0.16 10.58
CA PRO B 177 10.65 -0.04 9.11
C PRO B 177 9.56 -0.89 8.47
N LEU B 178 9.20 -2.01 9.09
CA LEU B 178 8.31 -3.01 8.49
C LEU B 178 7.08 -2.47 7.74
N PRO B 179 6.38 -1.45 8.28
CA PRO B 179 5.30 -0.87 7.48
C PRO B 179 5.77 -0.23 6.18
N ILE B 180 6.87 0.52 6.23
CA ILE B 180 7.38 1.24 5.08
C ILE B 180 7.69 0.30 3.91
N GLY B 181 8.26 -0.86 4.23
CA GLY B 181 8.53 -1.88 3.23
C GLY B 181 7.26 -2.36 2.56
N PHE B 182 6.20 -2.53 3.35
CA PHE B 182 4.92 -3.00 2.81
C PHE B 182 4.28 -1.95 1.92
N ALA B 183 4.36 -0.70 2.34
CA ALA B 183 3.84 0.42 1.55
C ALA B 183 4.48 0.42 0.17
N VAL B 184 5.79 0.20 0.13
CA VAL B 184 6.50 0.05 -1.13
C VAL B 184 5.97 -1.18 -1.87
N PHE B 185 5.88 -2.29 -1.15
CA PHE B 185 5.42 -3.56 -1.71
C PHE B 185 3.97 -3.49 -2.19
N MET B 186 3.12 -2.87 -1.38
CA MET B 186 1.70 -2.73 -1.71
C MET B 186 1.51 -1.95 -2.99
N VAL B 187 2.04 -0.73 -3.01
CA VAL B 187 1.88 0.18 -4.14
C VAL B 187 2.25 -0.50 -5.46
N HIS B 188 3.36 -1.24 -5.46
CA HIS B 188 3.80 -1.95 -6.66
C HIS B 188 2.70 -2.83 -7.25
N LEU B 189 2.13 -3.70 -6.42
CA LEU B 189 1.08 -4.62 -6.83
C LEU B 189 -0.05 -3.95 -7.62
N ALA B 190 -0.28 -2.67 -7.32
CA ALA B 190 -1.34 -1.92 -7.97
C ALA B 190 -0.81 -0.94 -9.01
N THR B 191 0.51 -0.77 -9.06
CA THR B 191 1.07 0.26 -9.93
C THR B 191 1.98 -0.31 -11.02
N ILE B 192 2.54 -1.49 -10.78
CA ILE B 192 3.37 -2.14 -11.80
C ILE B 192 2.69 -2.26 -13.19
N PRO B 193 1.41 -2.66 -13.24
CA PRO B 193 0.77 -2.73 -14.56
C PRO B 193 0.85 -1.44 -15.39
N ILE B 194 0.93 -0.30 -14.72
CA ILE B 194 0.92 0.97 -15.41
C ILE B 194 2.32 1.45 -15.80
N THR B 195 3.19 1.56 -14.81
CA THR B 195 4.51 2.14 -15.03
C THR B 195 5.64 1.18 -14.63
N GLY B 196 5.30 0.12 -13.93
CA GLY B 196 6.30 -0.74 -13.32
C GLY B 196 6.60 -0.19 -11.94
N THR B 197 5.77 0.77 -11.53
CA THR B 197 5.86 1.44 -10.24
C THR B 197 7.17 2.19 -10.05
N GLY B 198 7.10 3.51 -10.17
CA GLY B 198 8.27 4.35 -9.94
C GLY B 198 8.42 4.70 -8.48
N ILE B 199 7.63 5.68 -8.03
CA ILE B 199 7.65 6.23 -6.66
C ILE B 199 9.05 6.38 -6.05
N ASN B 200 10.04 6.50 -6.91
CA ASN B 200 11.43 6.70 -6.50
C ASN B 200 12.20 7.35 -7.64
N PRO B 201 12.38 8.67 -7.57
CA PRO B 201 13.03 9.49 -8.60
C PRO B 201 14.44 9.00 -8.95
N ALA B 202 15.23 8.65 -7.94
CA ALA B 202 16.58 8.14 -8.17
C ALA B 202 16.55 6.81 -8.90
N ARG B 203 15.64 5.94 -8.48
CA ARG B 203 15.49 4.62 -9.10
C ARG B 203 15.14 4.77 -10.58
N SER B 204 14.18 5.64 -10.87
CA SER B 204 13.75 5.90 -12.23
C SER B 204 14.88 6.51 -13.04
N PHE B 205 15.56 7.49 -12.43
CA PHE B 205 16.67 8.17 -13.07
C PHE B 205 17.81 7.19 -13.35
N GLY B 206 18.11 6.35 -12.38
CA GLY B 206 19.15 5.34 -12.52
C GLY B 206 18.86 4.36 -13.63
N ALA B 207 17.59 4.01 -13.78
CA ALA B 207 17.17 3.11 -14.84
C ALA B 207 17.26 3.79 -16.20
N ALA B 208 16.94 5.07 -16.22
CA ALA B 208 16.93 5.84 -17.47
C ALA B 208 18.34 6.11 -18.00
N VAL B 209 19.29 6.25 -17.09
CA VAL B 209 20.68 6.55 -17.45
C VAL B 209 21.34 5.40 -18.20
N ILE B 210 21.30 4.20 -17.60
CA ILE B 210 21.93 3.02 -18.20
C ILE B 210 21.21 2.55 -19.46
N TYR B 211 19.92 2.27 -19.33
CA TYR B 211 19.11 1.76 -20.43
C TYR B 211 19.10 2.73 -21.62
N ASN B 212 18.98 4.02 -21.32
CA ASN B 212 18.81 5.11 -22.28
C ASN B 212 18.05 4.76 -23.57
N ASN B 213 16.75 4.95 -23.53
CA ASN B 213 15.89 4.81 -24.69
C ASN B 213 15.02 6.06 -24.80
N GLU B 214 15.01 6.70 -25.97
CA GLU B 214 14.42 8.03 -26.13
C GLU B 214 12.96 8.13 -25.70
N LYS B 215 12.11 7.26 -26.24
CA LYS B 215 10.71 7.22 -25.83
C LYS B 215 10.59 6.90 -24.35
N ALA B 216 11.56 6.16 -23.83
CA ALA B 216 11.62 5.85 -22.40
C ALA B 216 12.16 7.06 -21.64
N TRP B 217 13.18 7.67 -22.23
CA TRP B 217 13.93 8.74 -21.58
C TRP B 217 13.17 10.06 -21.58
N ASP B 218 12.23 10.23 -22.51
CA ASP B 218 11.44 11.46 -22.57
C ASP B 218 10.08 11.28 -21.90
N ASP B 219 9.87 10.12 -21.29
CA ASP B 219 8.72 9.89 -20.41
C ASP B 219 9.18 9.95 -18.96
N GLN B 220 10.50 9.88 -18.80
CA GLN B 220 11.15 9.85 -17.50
C GLN B 220 10.75 11.03 -16.62
N TRP B 221 10.46 12.17 -17.26
CA TRP B 221 10.11 13.38 -16.54
C TRP B 221 8.95 13.16 -15.56
N ILE B 222 8.06 12.23 -15.90
CA ILE B 222 6.91 11.91 -15.07
C ILE B 222 7.32 11.42 -13.69
N PHE B 223 8.32 10.55 -13.64
CA PHE B 223 8.72 9.88 -12.40
C PHE B 223 9.57 10.76 -11.51
N TRP B 224 9.68 12.03 -11.87
CA TRP B 224 10.24 13.05 -11.00
C TRP B 224 9.12 14.00 -10.60
N VAL B 225 8.44 14.53 -11.62
CA VAL B 225 7.30 15.44 -11.43
C VAL B 225 6.22 14.83 -10.53
N GLY B 226 5.91 13.56 -10.77
CA GLY B 226 4.91 12.85 -10.00
C GLY B 226 5.23 12.70 -8.52
N PRO B 227 6.15 11.78 -8.19
CA PRO B 227 6.53 11.42 -6.82
C PRO B 227 6.73 12.62 -5.87
N MET B 228 7.31 13.71 -6.36
CA MET B 228 7.54 14.89 -5.54
C MET B 228 6.23 15.44 -4.98
N ILE B 229 5.27 15.59 -5.88
CA ILE B 229 3.95 16.10 -5.52
C ILE B 229 3.29 15.21 -4.48
N GLY B 230 3.33 13.90 -4.72
CA GLY B 230 2.77 12.93 -3.80
C GLY B 230 3.45 12.94 -2.46
N ALA B 231 4.75 13.26 -2.46
CA ALA B 231 5.52 13.37 -1.22
C ALA B 231 5.22 14.68 -0.53
N ALA B 232 5.17 15.76 -1.31
CA ALA B 232 4.91 17.10 -0.77
C ALA B 232 3.52 17.17 -0.17
N ALA B 233 2.60 16.39 -0.73
CA ALA B 233 1.24 16.31 -0.22
C ALA B 233 1.20 15.55 1.10
N ALA B 234 1.80 14.37 1.11
CA ALA B 234 1.82 13.53 2.31
C ALA B 234 2.45 14.26 3.49
N ALA B 235 3.52 15.00 3.21
CA ALA B 235 4.18 15.81 4.25
C ALA B 235 3.24 16.89 4.75
N PHE B 236 2.58 17.57 3.82
CA PHE B 236 1.61 18.61 4.15
C PHE B 236 0.45 18.06 4.97
N TYR B 237 -0.14 16.98 4.48
CA TYR B 237 -1.30 16.35 5.12
C TYR B 237 -0.98 15.85 6.52
N HIS B 238 0.15 15.16 6.65
CA HIS B 238 0.51 14.57 7.92
C HIS B 238 0.92 15.61 8.97
N GLN B 239 1.62 16.65 8.53
CA GLN B 239 2.15 17.64 9.46
C GLN B 239 1.09 18.66 9.92
N PHE B 240 0.06 18.88 9.11
CA PHE B 240 -0.92 19.92 9.43
C PHE B 240 -2.37 19.44 9.43
N ILE B 241 -2.79 18.80 8.33
CA ILE B 241 -4.16 18.30 8.23
C ILE B 241 -4.42 17.24 9.29
N LEU B 242 -3.38 16.53 9.69
CA LEU B 242 -3.46 15.66 10.86
C LEU B 242 -2.82 16.35 12.06
N ARG B 243 -1.79 17.15 11.79
CA ARG B 243 -1.09 17.92 12.81
C ARG B 243 -0.62 17.03 13.97
N ALA B 244 -0.13 15.84 13.63
CA ALA B 244 0.38 14.94 14.65
C ALA B 244 1.78 15.38 15.10
N ALA B 245 2.32 16.39 14.43
CA ALA B 245 3.64 16.90 14.76
C ALA B 245 3.59 17.96 15.86
N ALA B 246 2.45 18.63 15.97
CA ALA B 246 2.26 19.65 17.00
C ALA B 246 2.31 19.05 18.40
N ILE B 247 3.02 19.73 19.30
CA ILE B 247 3.16 19.25 20.68
C ILE B 247 3.38 20.42 21.64
#